data_4RTH
#
_entry.id   4RTH
#
_cell.length_a   40.058
_cell.length_b   38.328
_cell.length_c   61.116
_cell.angle_alpha   83.41
_cell.angle_beta   66.40
_cell.angle_gamma   63.53
#
_symmetry.space_group_name_H-M   'P 1'
#
loop_
_entity.id
_entity.type
_entity.pdbx_description
1 polymer 'Membrane-extrinsic protein of photosystem II PsbP'
2 water water
#
_entity_poly.entity_id   1
_entity_poly.type   'polypeptide(L)'
_entity_poly.pdbx_seq_one_letter_code
;AYGEAANVFGKTKKNTDFISYVGDGFKLLIPSKWNPSKEREFPGQVLRYEDNFDANSNVSVIIQPTSKKAITEYGSPEEF
LSQVDYLLGKQAYGGKTDSEGGFETDAVATANVLESSTPVVDGKQYYSITVLTRTADGDEGGKHQLITATVSDGKLYICK
AQAGDKRWFKGARKGVEKAAASFSVA
;
_entity_poly.pdbx_strand_id   A,B
#
# COMPACT_ATOMS: atom_id res chain seq x y z
N ASN A 15 -13.48 23.42 -19.97
CA ASN A 15 -13.90 22.01 -20.20
C ASN A 15 -14.59 21.42 -18.97
N THR A 16 -15.70 20.72 -19.18
CA THR A 16 -16.49 20.14 -18.09
C THR A 16 -15.78 18.93 -17.44
N ASP A 17 -15.14 18.10 -18.27
CA ASP A 17 -14.46 16.90 -17.79
C ASP A 17 -13.08 17.12 -17.19
N PHE A 18 -12.44 18.25 -17.51
CA PHE A 18 -11.09 18.54 -17.07
C PHE A 18 -10.92 19.95 -16.60
N ILE A 19 -10.02 20.14 -15.67
CA ILE A 19 -9.56 21.49 -15.36
C ILE A 19 -8.16 21.67 -15.94
N SER A 20 -7.84 22.91 -16.25
CA SER A 20 -6.52 23.27 -16.72
C SER A 20 -5.66 23.69 -15.52
N TYR A 21 -4.54 23.00 -15.33
CA TYR A 21 -3.59 23.30 -14.27
C TYR A 21 -2.30 23.85 -14.89
N VAL A 22 -1.85 25.02 -14.43
CA VAL A 22 -0.59 25.59 -14.89
C VAL A 22 0.37 25.66 -13.72
N GLY A 23 1.44 24.91 -13.80
CA GLY A 23 2.43 24.89 -12.72
C GLY A 23 3.66 25.69 -13.09
N ASP A 24 4.76 25.38 -12.42
CA ASP A 24 6.04 26.06 -12.65
C ASP A 24 6.71 25.55 -13.92
N GLY A 25 6.32 26.12 -15.05
CA GLY A 25 6.91 25.80 -16.35
C GLY A 25 6.23 24.66 -17.11
N PHE A 26 5.08 24.23 -16.63
CA PHE A 26 4.34 23.17 -17.30
C PHE A 26 2.86 23.39 -17.15
N LYS A 27 2.10 22.68 -17.97
CA LYS A 27 0.64 22.66 -17.79
C LYS A 27 0.10 21.29 -18.14
N LEU A 28 -1.09 20.99 -17.63
CA LEU A 28 -1.78 19.75 -17.94
C LEU A 28 -3.26 19.87 -17.68
N LEU A 29 -4.00 18.89 -18.18
CA LEU A 29 -5.43 18.74 -17.90
C LEU A 29 -5.58 17.67 -16.82
N ILE A 30 -6.47 17.93 -15.87
CA ILE A 30 -6.70 17.02 -14.74
C ILE A 30 -8.21 16.73 -14.69
N PRO A 31 -8.59 15.47 -14.51
CA PRO A 31 -10.01 15.16 -14.35
C PRO A 31 -10.67 16.08 -13.32
N SER A 32 -11.80 16.66 -13.69
CA SER A 32 -12.36 17.76 -12.93
C SER A 32 -12.92 17.36 -11.56
N LYS A 33 -13.21 16.08 -11.38
CA LYS A 33 -13.65 15.56 -10.07
C LYS A 33 -12.50 15.32 -9.09
N TRP A 34 -11.25 15.30 -9.58
CA TRP A 34 -10.11 15.09 -8.71
C TRP A 34 -9.76 16.34 -7.92
N ASN A 35 -9.06 16.16 -6.81
CA ASN A 35 -8.65 17.28 -5.96
C ASN A 35 -7.20 17.21 -5.56
N PRO A 36 -6.62 18.36 -5.21
CA PRO A 36 -5.23 18.39 -4.80
C PRO A 36 -4.97 17.62 -3.54
N SER A 37 -3.81 16.99 -3.49
CA SER A 37 -3.33 16.25 -2.34
C SER A 37 -1.99 16.84 -1.94
N LYS A 38 -1.72 16.88 -0.63
CA LYS A 38 -0.41 17.33 -0.13
C LYS A 38 0.64 16.23 -0.12
N GLU A 39 0.22 15.00 -0.38
CA GLU A 39 1.14 13.85 -0.35
C GLU A 39 2.24 14.02 -1.37
N ARG A 40 3.47 13.76 -0.94
CA ARG A 40 4.64 13.87 -1.80
C ARG A 40 5.47 12.61 -1.66
N GLU A 41 5.56 11.84 -2.74
CA GLU A 41 6.23 10.53 -2.75
C GLU A 41 7.67 10.60 -3.26
N PHE A 42 7.94 11.57 -4.10
CA PHE A 42 9.15 11.56 -4.92
C PHE A 42 9.92 12.86 -4.71
N PRO A 43 11.27 12.78 -4.71
CA PRO A 43 12.07 13.99 -4.70
C PRO A 43 11.72 14.87 -5.90
N GLY A 44 11.53 16.15 -5.63
CA GLY A 44 11.21 17.12 -6.67
C GLY A 44 9.76 17.14 -7.09
N GLN A 45 8.91 16.42 -6.37
CA GLN A 45 7.48 16.42 -6.69
C GLN A 45 6.84 17.76 -6.36
N VAL A 46 6.16 18.34 -7.33
CA VAL A 46 5.52 19.64 -7.17
C VAL A 46 3.98 19.60 -7.24
N LEU A 47 3.41 18.43 -7.52
CA LEU A 47 1.98 18.33 -7.72
C LEU A 47 1.46 16.92 -7.45
N ARG A 48 0.31 16.84 -6.81
CA ARG A 48 -0.48 15.61 -6.80
C ARG A 48 -1.96 15.95 -6.79
N TYR A 49 -2.71 15.39 -7.74
CA TYR A 49 -4.18 15.42 -7.70
C TYR A 49 -4.65 13.98 -7.68
N GLU A 50 -5.77 13.73 -7.05
CA GLU A 50 -6.27 12.36 -6.92
C GLU A 50 -7.80 12.33 -6.83
N ASP A 51 -8.34 11.17 -7.17
CA ASP A 51 -9.78 10.87 -7.00
C ASP A 51 -10.13 10.79 -5.52
N ASN A 52 -11.25 11.41 -5.16
CA ASN A 52 -11.75 11.50 -3.79
C ASN A 52 -12.03 10.11 -3.24
N PHE A 53 -12.46 9.22 -4.13
CA PHE A 53 -12.90 7.88 -3.74
C PHE A 53 -11.81 6.82 -3.77
N ASP A 54 -10.84 7.00 -4.66
CA ASP A 54 -9.75 6.02 -4.78
C ASP A 54 -8.47 6.76 -5.08
N ALA A 55 -7.63 6.92 -4.06
CA ALA A 55 -6.41 7.70 -4.20
C ALA A 55 -5.39 7.09 -5.13
N ASN A 56 -5.59 5.83 -5.50
CA ASN A 56 -4.74 5.19 -6.52
C ASN A 56 -5.00 5.72 -7.92
N SER A 57 -6.08 6.48 -8.11
CA SER A 57 -6.30 7.21 -9.35
C SER A 57 -5.76 8.59 -9.13
N ASN A 58 -4.61 8.88 -9.73
CA ASN A 58 -3.95 10.15 -9.43
C ASN A 58 -3.01 10.58 -10.52
N VAL A 59 -2.57 11.84 -10.41
CA VAL A 59 -1.54 12.36 -11.31
C VAL A 59 -0.53 13.15 -10.48
N SER A 60 0.75 13.00 -10.83
CA SER A 60 1.86 13.60 -10.11
C SER A 60 2.73 14.30 -11.12
N VAL A 61 3.34 15.41 -10.72
CA VAL A 61 4.39 16.06 -11.54
C VAL A 61 5.65 16.23 -10.70
N ILE A 62 6.78 15.94 -11.34
CA ILE A 62 8.10 15.98 -10.70
C ILE A 62 8.99 16.85 -11.56
N ILE A 63 9.78 17.70 -10.92
CA ILE A 63 10.76 18.53 -11.60
C ILE A 63 12.08 18.37 -10.87
N GLN A 64 13.12 18.06 -11.63
CA GLN A 64 14.46 17.92 -11.04
C GLN A 64 15.50 18.52 -11.94
N PRO A 65 16.61 18.99 -11.35
CA PRO A 65 17.71 19.44 -12.17
C PRO A 65 18.33 18.29 -12.98
N THR A 66 18.79 18.60 -14.18
CA THR A 66 19.52 17.64 -15.00
C THR A 66 20.62 18.34 -15.79
N SER A 67 21.67 17.57 -16.08
CA SER A 67 22.74 18.02 -16.97
C SER A 67 22.44 17.70 -18.44
N LYS A 68 21.41 16.88 -18.67
CA LYS A 68 20.96 16.56 -20.02
C LYS A 68 20.34 17.76 -20.75
N LYS A 69 20.45 17.78 -22.07
CA LYS A 69 19.84 18.83 -22.89
C LYS A 69 18.51 18.39 -23.50
N ALA A 70 18.34 17.08 -23.62
CA ALA A 70 17.15 16.51 -24.20
C ALA A 70 16.86 15.17 -23.55
N ILE A 71 15.60 14.80 -23.55
CA ILE A 71 15.16 13.55 -22.92
C ILE A 71 15.83 12.32 -23.53
N THR A 72 16.14 12.40 -24.81
CA THR A 72 16.75 11.28 -25.51
C THR A 72 18.17 10.96 -25.01
N GLU A 73 18.80 11.88 -24.30
CA GLU A 73 20.10 11.61 -23.71
C GLU A 73 20.07 10.63 -22.53
N TYR A 74 18.86 10.31 -22.07
CA TYR A 74 18.69 9.27 -21.07
C TYR A 74 18.70 7.88 -21.70
N GLY A 75 18.79 7.80 -23.03
CA GLY A 75 18.66 6.54 -23.72
C GLY A 75 17.25 6.31 -24.22
N SER A 76 16.93 5.07 -24.52
CA SER A 76 15.61 4.67 -25.00
C SER A 76 14.56 4.89 -23.94
N PRO A 77 13.27 4.83 -24.31
CA PRO A 77 12.27 4.96 -23.25
C PRO A 77 12.44 3.94 -22.12
N GLU A 78 12.83 2.71 -22.45
CA GLU A 78 13.07 1.69 -21.41
C GLU A 78 14.31 2.00 -20.58
N GLU A 79 15.35 2.51 -21.20
CA GLU A 79 16.53 2.95 -20.43
C GLU A 79 16.21 4.14 -19.53
N PHE A 80 15.38 5.04 -20.03
CA PHE A 80 14.92 6.15 -19.20
C PHE A 80 14.12 5.62 -18.01
N LEU A 81 13.17 4.73 -18.29
CA LEU A 81 12.34 4.18 -17.22
C LEU A 81 13.21 3.48 -16.16
N SER A 82 14.24 2.76 -16.60
CA SER A 82 15.20 2.09 -15.72
C SER A 82 15.81 3.09 -14.73
N GLN A 83 16.09 4.29 -15.21
CA GLN A 83 16.70 5.34 -14.41
C GLN A 83 15.73 6.06 -13.49
N VAL A 84 14.45 6.01 -13.79
CA VAL A 84 13.44 6.69 -12.96
C VAL A 84 12.41 5.74 -12.40
N ASP A 85 12.79 4.47 -12.23
CA ASP A 85 11.77 3.47 -11.85
C ASP A 85 11.36 3.57 -10.39
N TYR A 86 12.00 4.46 -9.62
CA TYR A 86 11.50 4.85 -8.30
C TYR A 86 10.05 5.33 -8.42
N LEU A 87 9.68 5.83 -9.60
CA LEU A 87 8.31 6.30 -9.85
C LEU A 87 7.27 5.22 -9.69
N LEU A 88 7.66 3.97 -9.93
CA LEU A 88 6.73 2.85 -9.90
C LEU A 88 6.40 2.39 -8.49
N GLY A 89 7.15 2.90 -7.52
CA GLY A 89 7.04 2.53 -6.12
C GLY A 89 8.03 1.45 -5.77
N LYS A 90 8.02 1.04 -4.49
CA LYS A 90 8.92 0.01 -3.99
C LYS A 90 8.75 -1.25 -4.79
N GLN A 91 9.86 -1.92 -5.05
CA GLN A 91 9.86 -3.14 -5.86
C GLN A 91 10.36 -4.37 -5.11
N ALA A 92 9.94 -5.51 -5.63
CA ALA A 92 10.38 -6.82 -5.18
C ALA A 92 11.03 -7.53 -6.35
N TYR A 93 12.11 -8.25 -6.08
CA TYR A 93 12.91 -8.81 -7.15
C TYR A 93 12.97 -10.31 -7.20
N GLY A 94 12.10 -10.97 -6.44
CA GLY A 94 11.87 -12.40 -6.56
C GLY A 94 13.13 -13.22 -6.30
N GLY A 95 13.94 -12.78 -5.35
CA GLY A 95 15.16 -13.50 -5.02
C GLY A 95 14.88 -14.80 -4.29
N LYS A 96 15.92 -15.64 -4.20
CA LYS A 96 15.83 -16.87 -3.42
C LYS A 96 15.34 -16.58 -2.00
N THR A 97 14.43 -17.41 -1.52
CA THR A 97 13.88 -17.21 -0.16
C THR A 97 13.94 -18.49 0.65
N ASP A 98 13.72 -18.33 1.95
CA ASP A 98 13.59 -19.46 2.88
C ASP A 98 12.20 -19.54 3.53
N GLU A 104 8.55 -9.69 3.25
CA GLU A 104 7.65 -9.51 2.11
C GLU A 104 6.59 -8.43 2.32
N THR A 105 6.35 -7.65 1.26
CA THR A 105 5.47 -6.49 1.29
C THR A 105 4.70 -6.38 -0.01
N ASP A 106 3.87 -5.34 -0.14
CA ASP A 106 3.09 -5.10 -1.35
C ASP A 106 3.92 -4.36 -2.42
N ALA A 107 5.08 -4.88 -2.70
CA ALA A 107 6.00 -4.19 -3.55
C ALA A 107 5.62 -4.56 -4.97
N VAL A 108 6.04 -3.76 -5.92
CA VAL A 108 5.81 -4.04 -7.33
C VAL A 108 6.71 -5.18 -7.72
N ALA A 109 6.14 -6.23 -8.28
CA ALA A 109 6.86 -7.44 -8.69
C ALA A 109 6.99 -7.59 -10.18
N THR A 110 6.08 -6.97 -10.92
CA THR A 110 6.15 -6.98 -12.38
C THR A 110 5.93 -5.57 -12.87
N ALA A 111 6.62 -5.22 -13.96
CA ALA A 111 6.50 -3.90 -14.58
C ALA A 111 6.78 -4.07 -16.07
N ASN A 112 5.76 -3.86 -16.88
CA ASN A 112 5.88 -4.10 -18.30
C ASN A 112 5.51 -2.85 -19.08
N VAL A 113 6.40 -2.42 -19.96
CA VAL A 113 6.10 -1.32 -20.87
C VAL A 113 5.19 -1.85 -21.98
N LEU A 114 3.95 -1.37 -21.98
CA LEU A 114 2.96 -1.80 -22.98
C LEU A 114 3.11 -1.06 -24.31
N GLU A 115 3.56 0.18 -24.23
CA GLU A 115 3.65 1.08 -25.36
C GLU A 115 4.63 2.15 -24.96
N SER A 116 5.46 2.59 -25.92
CA SER A 116 6.24 3.81 -25.71
C SER A 116 6.42 4.52 -27.02
N SER A 117 6.60 5.83 -26.94
CA SER A 117 6.79 6.63 -28.13
C SER A 117 7.55 7.90 -27.77
N THR A 118 8.03 8.59 -28.80
CA THR A 118 8.91 9.75 -28.62
C THR A 118 8.41 10.95 -29.42
N PRO A 119 7.19 11.43 -29.13
CA PRO A 119 6.63 12.52 -29.92
C PRO A 119 7.37 13.84 -29.76
N VAL A 120 7.46 14.57 -30.85
CA VAL A 120 7.92 15.96 -30.85
C VAL A 120 6.70 16.85 -31.00
N VAL A 121 6.46 17.68 -30.00
CA VAL A 121 5.27 18.53 -29.98
C VAL A 121 5.70 19.96 -29.73
N ASP A 122 5.26 20.85 -30.64
CA ASP A 122 5.65 22.27 -30.60
C ASP A 122 7.16 22.43 -30.42
N GLY A 123 7.90 21.63 -31.18
CA GLY A 123 9.37 21.70 -31.16
C GLY A 123 10.11 21.00 -30.03
N LYS A 124 9.38 20.50 -29.04
CA LYS A 124 10.00 19.85 -27.88
C LYS A 124 9.79 18.34 -27.90
N GLN A 125 10.83 17.61 -27.57
CA GLN A 125 10.79 16.17 -27.59
C GLN A 125 10.34 15.59 -26.26
N TYR A 126 9.34 14.72 -26.31
CA TYR A 126 8.82 14.04 -25.13
C TYR A 126 8.99 12.53 -25.24
N TYR A 127 9.03 11.85 -24.09
CA TYR A 127 8.83 10.41 -24.04
C TYR A 127 7.44 10.16 -23.46
N SER A 128 6.71 9.27 -24.08
CA SER A 128 5.42 8.79 -23.58
C SER A 128 5.57 7.31 -23.31
N ILE A 129 5.24 6.87 -22.10
CA ILE A 129 5.45 5.48 -21.73
C ILE A 129 4.25 4.97 -20.94
N THR A 130 3.71 3.82 -21.37
CA THR A 130 2.59 3.20 -20.67
C THR A 130 3.12 1.95 -19.98
N VAL A 131 3.01 1.89 -18.66
CA VAL A 131 3.56 0.77 -17.86
C VAL A 131 2.43 0.09 -17.10
N LEU A 132 2.43 -1.22 -17.13
CA LEU A 132 1.54 -2.00 -16.27
C LEU A 132 2.35 -2.62 -15.16
N THR A 133 1.99 -2.33 -13.93
CA THR A 133 2.64 -2.90 -12.75
C THR A 133 1.67 -3.78 -11.99
N ARG A 134 2.23 -4.78 -11.32
CA ARG A 134 1.44 -5.62 -10.42
C ARG A 134 2.27 -5.96 -9.21
N THR A 135 1.59 -6.17 -8.09
CA THR A 135 2.28 -6.56 -6.86
C THR A 135 2.57 -8.07 -6.84
N ALA A 136 3.35 -8.52 -5.87
CA ALA A 136 3.63 -9.96 -5.75
C ALA A 136 2.46 -10.61 -4.99
N ASP A 137 1.90 -11.69 -5.53
CA ASP A 137 0.80 -12.42 -4.86
C ASP A 137 -0.29 -11.41 -4.45
N GLY A 138 -0.78 -11.54 -3.22
CA GLY A 138 -1.76 -10.65 -2.62
C GLY A 138 -3.02 -10.67 -3.47
N ASP A 139 -3.78 -9.58 -3.42
CA ASP A 139 -4.70 -9.30 -4.50
C ASP A 139 -3.78 -8.94 -5.65
N GLU A 140 -4.05 -9.46 -6.83
CA GLU A 140 -3.16 -9.13 -7.95
C GLU A 140 -3.40 -7.68 -8.40
N GLY A 141 -3.29 -6.75 -7.45
CA GLY A 141 -3.59 -5.33 -7.71
C GLY A 141 -2.66 -4.70 -8.75
N GLY A 142 -3.21 -4.49 -9.93
CA GLY A 142 -2.46 -3.92 -11.03
C GLY A 142 -2.70 -2.44 -11.13
N LYS A 143 -1.73 -1.74 -11.68
CA LYS A 143 -1.84 -0.32 -11.95
C LYS A 143 -1.35 -0.06 -13.35
N HIS A 144 -2.04 0.81 -14.07
CA HIS A 144 -1.47 1.39 -15.26
C HIS A 144 -0.84 2.69 -14.82
N GLN A 145 0.44 2.86 -15.16
CA GLN A 145 1.19 4.07 -14.82
C GLN A 145 1.67 4.67 -16.13
N LEU A 146 1.16 5.86 -16.42
CA LEU A 146 1.38 6.52 -17.70
C LEU A 146 2.32 7.69 -17.46
N ILE A 147 3.43 7.70 -18.18
CA ILE A 147 4.50 8.67 -17.95
C ILE A 147 4.72 9.52 -19.18
N THR A 148 4.73 10.83 -18.99
CA THR A 148 5.16 11.76 -20.05
C THR A 148 6.34 12.54 -19.48
N ALA A 149 7.45 12.56 -20.21
CA ALA A 149 8.66 13.23 -19.68
C ALA A 149 9.36 14.04 -20.74
N THR A 150 10.06 15.10 -20.31
CA THR A 150 10.82 15.94 -21.22
C THR A 150 11.88 16.70 -20.44
N VAL A 151 12.82 17.30 -21.17
CA VAL A 151 13.86 18.12 -20.56
C VAL A 151 13.70 19.53 -21.10
N SER A 152 13.76 20.49 -20.21
CA SER A 152 13.71 21.90 -20.62
C SER A 152 14.44 22.73 -19.60
N ASP A 153 15.27 23.65 -20.12
CA ASP A 153 15.96 24.64 -19.29
C ASP A 153 16.68 24.03 -18.09
N GLY A 154 17.40 22.95 -18.32
CA GLY A 154 18.22 22.33 -17.29
C GLY A 154 17.44 21.54 -16.25
N LYS A 155 16.21 21.20 -16.60
CA LYS A 155 15.35 20.42 -15.71
C LYS A 155 14.66 19.25 -16.42
N LEU A 156 14.52 18.15 -15.70
CA LEU A 156 13.74 17.01 -16.13
C LEU A 156 12.34 17.16 -15.58
N TYR A 157 11.34 17.13 -16.46
CA TYR A 157 9.94 17.24 -16.10
C TYR A 157 9.29 15.91 -16.33
N ILE A 158 8.64 15.39 -15.29
CA ILE A 158 7.94 14.10 -15.40
C ILE A 158 6.52 14.25 -14.90
N CYS A 159 5.57 13.80 -15.73
CA CYS A 159 4.19 13.67 -15.32
C CYS A 159 3.84 12.18 -15.30
N LYS A 160 3.29 11.72 -14.20
CA LYS A 160 2.83 10.32 -14.10
C LYS A 160 1.36 10.31 -13.69
N ALA A 161 0.52 9.70 -14.53
CA ALA A 161 -0.88 9.49 -14.18
C ALA A 161 -1.14 8.00 -14.00
N GLN A 162 -1.98 7.62 -13.05
CA GLN A 162 -2.19 6.19 -12.82
C GLN A 162 -3.60 5.88 -12.37
N ALA A 163 -3.97 4.61 -12.56
CA ALA A 163 -5.19 4.08 -11.94
C ALA A 163 -4.99 2.60 -11.67
N GLY A 164 -5.58 2.15 -10.57
CA GLY A 164 -5.65 0.74 -10.29
C GLY A 164 -6.65 0.06 -11.21
N ASP A 165 -6.57 -1.26 -11.28
CA ASP A 165 -7.44 -2.03 -12.18
C ASP A 165 -8.93 -1.77 -11.98
N LYS A 166 -9.37 -1.65 -10.74
CA LYS A 166 -10.81 -1.45 -10.49
C LYS A 166 -11.34 -0.19 -11.17
N ARG A 167 -10.61 0.90 -11.07
CA ARG A 167 -11.05 2.13 -11.71
C ARG A 167 -10.69 2.19 -13.20
N TRP A 168 -9.56 1.62 -13.58
CA TRP A 168 -9.13 1.62 -14.98
C TRP A 168 -10.20 0.98 -15.87
N PHE A 169 -10.88 -0.02 -15.32
CA PHE A 169 -11.92 -0.75 -16.05
C PHE A 169 -13.34 -0.30 -15.67
N LYS A 170 -13.46 0.79 -14.94
CA LYS A 170 -14.78 1.32 -14.55
C LYS A 170 -14.94 2.82 -14.76
N GLY A 171 -14.22 3.36 -15.72
CA GLY A 171 -14.46 4.71 -16.18
C GLY A 171 -13.32 5.68 -16.08
N ALA A 172 -12.25 5.30 -15.38
CA ALA A 172 -11.15 6.26 -15.11
C ALA A 172 -10.17 6.40 -16.25
N ARG A 173 -10.16 5.44 -17.15
CA ARG A 173 -9.11 5.34 -18.15
C ARG A 173 -8.94 6.58 -19.02
N LYS A 174 -10.03 7.09 -19.58
CA LYS A 174 -9.95 8.24 -20.48
C LYS A 174 -9.27 9.42 -19.78
N GLY A 175 -9.67 9.70 -18.56
CA GLY A 175 -9.13 10.85 -17.82
C GLY A 175 -7.67 10.69 -17.42
N VAL A 176 -7.30 9.46 -17.07
CA VAL A 176 -5.92 9.17 -16.69
C VAL A 176 -5.01 9.34 -17.91
N GLU A 177 -5.43 8.77 -19.03
CA GLU A 177 -4.66 8.87 -20.27
C GLU A 177 -4.53 10.32 -20.73
N LYS A 178 -5.62 11.06 -20.62
CA LYS A 178 -5.62 12.48 -21.04
C LYS A 178 -4.71 13.32 -20.17
N ALA A 179 -4.72 13.06 -18.87
CA ALA A 179 -3.88 13.82 -17.96
C ALA A 179 -2.41 13.71 -18.40
N ALA A 180 -1.93 12.50 -18.61
CA ALA A 180 -0.53 12.30 -19.01
C ALA A 180 -0.27 12.84 -20.41
N ALA A 181 -1.21 12.62 -21.33
CA ALA A 181 -1.03 13.05 -22.73
C ALA A 181 -0.97 14.56 -22.86
N SER A 182 -1.70 15.25 -21.99
CA SER A 182 -1.86 16.71 -22.06
C SER A 182 -0.66 17.47 -21.51
N PHE A 183 0.21 16.76 -20.80
CA PHE A 183 1.35 17.39 -20.14
C PHE A 183 2.22 18.10 -21.14
N SER A 184 2.45 19.39 -20.90
CA SER A 184 3.20 20.24 -21.84
C SER A 184 4.16 21.12 -21.05
N VAL A 185 5.38 21.26 -21.56
CA VAL A 185 6.38 22.08 -20.90
C VAL A 185 6.78 23.23 -21.80
N ALA A 186 6.77 24.45 -21.25
CA ALA A 186 7.10 25.65 -22.02
C ALA A 186 8.59 25.70 -22.36
N ASN B 15 -21.41 -19.29 11.33
CA ASN B 15 -21.12 -20.70 10.92
C ASN B 15 -20.60 -20.78 9.47
N THR B 16 -21.52 -20.79 8.51
CA THR B 16 -21.20 -20.98 7.08
C THR B 16 -20.38 -19.82 6.50
N ASP B 17 -20.44 -18.67 7.16
CA ASP B 17 -19.67 -17.50 6.75
C ASP B 17 -18.18 -17.65 7.08
N PHE B 18 -17.83 -18.74 7.79
CA PHE B 18 -16.45 -18.96 8.21
C PHE B 18 -16.00 -20.37 7.96
N ILE B 19 -14.71 -20.54 7.72
CA ILE B 19 -14.12 -21.85 7.74
C ILE B 19 -13.40 -22.03 9.06
N SER B 20 -13.33 -23.29 9.50
CA SER B 20 -12.60 -23.65 10.69
C SER B 20 -11.18 -24.01 10.29
N TYR B 21 -10.22 -23.23 10.79
CA TYR B 21 -8.82 -23.46 10.49
C TYR B 21 -8.16 -24.09 11.71
N VAL B 22 -7.47 -25.21 11.51
CA VAL B 22 -6.77 -25.89 12.58
C VAL B 22 -5.29 -25.89 12.22
N GLY B 23 -4.50 -25.24 13.06
CA GLY B 23 -3.07 -25.17 12.90
C GLY B 23 -2.31 -25.89 13.99
N ASP B 24 -1.02 -25.56 14.05
CA ASP B 24 -0.08 -26.17 14.99
C ASP B 24 -0.27 -25.64 16.41
N GLY B 25 -1.17 -26.27 17.14
CA GLY B 25 -1.46 -25.89 18.52
C GLY B 25 -2.42 -24.72 18.65
N PHE B 26 -3.07 -24.35 17.55
CA PHE B 26 -4.04 -23.25 17.59
C PHE B 26 -5.17 -23.52 16.61
N LYS B 27 -6.26 -22.80 16.80
CA LYS B 27 -7.37 -22.82 15.83
C LYS B 27 -7.95 -21.43 15.73
N LEU B 28 -8.62 -21.17 14.62
CA LEU B 28 -9.40 -19.92 14.49
C LEU B 28 -10.45 -20.08 13.39
N LEU B 29 -11.35 -19.13 13.33
CA LEU B 29 -12.33 -19.01 12.26
C LEU B 29 -11.87 -17.94 11.27
N ILE B 30 -12.03 -18.22 9.99
CA ILE B 30 -11.60 -17.30 8.92
C ILE B 30 -12.77 -17.08 7.98
N PRO B 31 -13.01 -15.82 7.57
CA PRO B 31 -14.09 -15.60 6.61
C PRO B 31 -13.96 -16.52 5.41
N SER B 32 -15.06 -17.16 5.03
CA SER B 32 -15.02 -18.29 4.11
C SER B 32 -14.65 -17.92 2.70
N LYS B 33 -14.85 -16.66 2.33
CA LYS B 33 -14.42 -16.19 1.00
C LYS B 33 -12.94 -15.86 0.88
N TRP B 34 -12.24 -15.73 2.00
CA TRP B 34 -10.82 -15.42 1.95
C TRP B 34 -10.02 -16.62 1.47
N ASN B 35 -8.86 -16.34 0.89
CA ASN B 35 -7.97 -17.38 0.39
C ASN B 35 -6.62 -17.35 1.08
N PRO B 36 -5.97 -18.51 1.16
CA PRO B 36 -4.61 -18.53 1.68
C PRO B 36 -3.70 -17.76 0.77
N SER B 37 -2.71 -17.12 1.37
CA SER B 37 -1.74 -16.34 0.63
C SER B 37 -0.37 -16.87 0.92
N LYS B 38 0.50 -16.78 -0.07
CA LYS B 38 1.88 -17.22 0.07
C LYS B 38 2.74 -16.17 0.80
N GLU B 39 2.27 -14.93 0.83
CA GLU B 39 3.03 -13.82 1.41
C GLU B 39 3.33 -14.04 2.89
N ARG B 40 4.58 -13.78 3.29
CA ARG B 40 4.99 -13.84 4.69
C ARG B 40 5.73 -12.56 5.05
N GLU B 41 5.09 -11.77 5.91
CA GLU B 41 5.57 -10.44 6.30
C GLU B 41 6.45 -10.48 7.53
N PHE B 42 6.19 -11.43 8.42
CA PHE B 42 6.72 -11.39 9.78
C PHE B 42 7.52 -12.64 10.12
N PRO B 43 8.55 -12.46 10.98
CA PRO B 43 9.27 -13.64 11.46
C PRO B 43 8.29 -14.53 12.21
N GLY B 44 8.34 -15.82 11.94
CA GLY B 44 7.53 -16.77 12.67
C GLY B 44 6.10 -16.86 12.16
N GLN B 45 5.82 -16.21 11.03
CA GLN B 45 4.48 -16.24 10.46
C GLN B 45 4.17 -17.61 9.87
N VAL B 46 3.06 -18.19 10.27
CA VAL B 46 2.67 -19.54 9.85
C VAL B 46 1.39 -19.57 9.02
N LEU B 47 0.76 -18.42 8.88
CA LEU B 47 -0.52 -18.32 8.20
C LEU B 47 -0.75 -16.93 7.63
N ARG B 48 -1.29 -16.86 6.42
CA ARG B 48 -1.90 -15.61 5.92
C ARG B 48 -3.10 -15.95 5.06
N TYR B 49 -4.27 -15.40 5.41
CA TYR B 49 -5.44 -15.48 4.56
C TYR B 49 -5.86 -14.08 4.25
N GLU B 50 -6.44 -13.87 3.08
CA GLU B 50 -6.83 -12.52 2.69
C GLU B 50 -8.05 -12.50 1.81
N ASP B 51 -8.73 -11.36 1.80
CA ASP B 51 -9.76 -11.06 0.84
C ASP B 51 -9.04 -10.72 -0.47
N ASN B 52 -9.26 -11.53 -1.49
CA ASN B 52 -8.60 -11.26 -2.77
C ASN B 52 -9.18 -10.02 -3.45
N PHE B 53 -10.35 -9.55 -3.02
CA PHE B 53 -10.90 -8.30 -3.56
C PHE B 53 -10.22 -7.08 -2.97
N ASP B 54 -9.83 -7.18 -1.70
CA ASP B 54 -9.04 -6.12 -1.07
C ASP B 54 -8.10 -6.76 -0.06
N ALA B 55 -6.84 -6.87 -0.46
CA ALA B 55 -5.83 -7.58 0.34
C ALA B 55 -5.50 -6.89 1.65
N ASN B 56 -5.99 -5.67 1.86
CA ASN B 56 -5.86 -5.02 3.17
C ASN B 56 -6.74 -5.68 4.22
N SER B 57 -7.67 -6.53 3.78
CA SER B 57 -8.47 -7.36 4.69
C SER B 57 -7.80 -8.70 4.80
N ASN B 58 -7.17 -8.99 5.93
CA ASN B 58 -6.41 -10.24 6.04
C ASN B 58 -6.27 -10.67 7.48
N VAL B 59 -5.81 -11.89 7.66
CA VAL B 59 -5.51 -12.42 8.99
C VAL B 59 -4.18 -13.19 8.91
N SER B 60 -3.38 -13.03 9.96
CA SER B 60 -2.07 -13.64 10.05
C SER B 60 -1.95 -14.32 11.42
N VAL B 61 -1.18 -15.40 11.49
CA VAL B 61 -0.79 -16.01 12.77
C VAL B 61 0.71 -16.11 12.81
N ILE B 62 1.26 -15.76 13.98
CA ILE B 62 2.71 -15.74 14.21
C ILE B 62 3.00 -16.58 15.45
N ILE B 63 4.03 -17.40 15.38
CA ILE B 63 4.45 -18.23 16.52
C ILE B 63 5.95 -17.99 16.71
N GLN B 64 6.34 -17.62 17.93
CA GLN B 64 7.75 -17.37 18.24
C GLN B 64 8.09 -17.92 19.59
N PRO B 65 9.37 -18.29 19.80
CA PRO B 65 9.79 -18.73 21.12
C PRO B 65 9.73 -17.61 22.13
N THR B 66 9.43 -17.95 23.38
CA THR B 66 9.48 -16.99 24.49
C THR B 66 9.93 -17.65 25.77
N SER B 67 10.60 -16.86 26.60
CA SER B 67 10.97 -17.27 27.96
C SER B 67 9.87 -16.97 28.99
N LYS B 68 8.88 -16.17 28.59
CA LYS B 68 7.75 -15.86 29.43
C LYS B 68 6.83 -17.06 29.67
N LYS B 69 6.15 -17.06 30.79
CA LYS B 69 5.20 -18.12 31.11
C LYS B 69 3.74 -17.71 30.86
N ALA B 70 3.49 -16.41 30.88
CA ALA B 70 2.16 -15.86 30.60
C ALA B 70 2.31 -14.53 29.88
N ILE B 71 1.28 -14.19 29.10
CA ILE B 71 1.31 -12.98 28.27
C ILE B 71 1.46 -11.71 29.10
N THR B 72 0.94 -11.72 30.33
CA THR B 72 1.04 -10.53 31.17
C THR B 72 2.47 -10.21 31.61
N GLU B 73 3.39 -11.15 31.45
CA GLU B 73 4.80 -10.87 31.74
C GLU B 73 5.50 -9.99 30.68
N TYR B 74 4.79 -9.69 29.59
CA TYR B 74 5.23 -8.67 28.66
C TYR B 74 4.87 -7.25 29.10
N GLY B 75 4.19 -7.11 30.23
CA GLY B 75 3.63 -5.85 30.66
C GLY B 75 2.20 -5.68 30.22
N SER B 76 1.70 -4.46 30.28
CA SER B 76 0.34 -4.14 29.90
C SER B 76 0.11 -4.41 28.42
N PRO B 77 -1.16 -4.41 27.97
CA PRO B 77 -1.37 -4.61 26.54
C PRO B 77 -0.61 -3.60 25.66
N GLU B 78 -0.51 -2.35 26.09
CA GLU B 78 0.25 -1.32 25.36
C GLU B 78 1.74 -1.60 25.34
N GLU B 79 2.27 -2.11 26.47
CA GLU B 79 3.66 -2.50 26.53
C GLU B 79 3.92 -3.75 25.67
N PHE B 80 2.97 -4.67 25.64
CA PHE B 80 3.09 -5.83 24.75
C PHE B 80 3.09 -5.36 23.30
N LEU B 81 2.14 -4.49 22.96
CA LEU B 81 2.07 -3.99 21.59
C LEU B 81 3.37 -3.32 21.17
N SER B 82 3.94 -2.54 22.07
CA SER B 82 5.24 -1.89 21.82
C SER B 82 6.31 -2.90 21.39
N GLN B 83 6.32 -4.04 22.06
CA GLN B 83 7.31 -5.10 21.82
C GLN B 83 7.06 -5.86 20.55
N VAL B 84 5.83 -5.83 20.06
CA VAL B 84 5.52 -6.53 18.80
C VAL B 84 5.03 -5.57 17.72
N ASP B 85 5.43 -4.31 17.80
CA ASP B 85 4.84 -3.34 16.87
C ASP B 85 5.36 -3.48 15.44
N TYR B 86 6.33 -4.36 15.23
CA TYR B 86 6.70 -4.79 13.88
C TYR B 86 5.44 -5.25 13.12
N LEU B 87 4.44 -5.72 13.87
CA LEU B 87 3.16 -6.19 13.28
C LEU B 87 2.41 -5.10 12.51
N LEU B 88 2.65 -3.85 12.88
CA LEU B 88 1.97 -2.74 12.25
C LEU B 88 2.63 -2.35 10.93
N GLY B 89 3.80 -2.92 10.63
CA GLY B 89 4.56 -2.61 9.42
C GLY B 89 5.46 -1.42 9.66
N LYS B 90 6.09 -0.94 8.58
CA LYS B 90 7.02 0.17 8.67
C LYS B 90 6.33 1.40 9.24
N GLN B 91 7.05 2.10 10.10
CA GLN B 91 6.53 3.30 10.76
C GLN B 91 7.31 4.56 10.43
N ALA B 92 6.63 5.67 10.58
CA ALA B 92 7.22 7.00 10.46
C ALA B 92 7.11 7.70 11.80
N TYR B 93 8.16 8.44 12.17
CA TYR B 93 8.24 9.01 13.52
C TYR B 93 8.23 10.51 13.55
N GLY B 94 7.93 11.14 12.42
CA GLY B 94 7.65 12.58 12.38
C GLY B 94 8.81 13.43 12.86
N GLY B 95 10.02 13.01 12.54
CA GLY B 95 11.20 13.77 12.97
C GLY B 95 11.37 15.06 12.21
N LYS B 96 12.26 15.92 12.71
CA LYS B 96 12.57 17.17 12.02
C LYS B 96 12.98 16.91 10.58
N THR B 97 12.44 17.71 9.67
CA THR B 97 12.74 17.54 8.25
C THR B 97 13.00 18.87 7.55
N ASP B 98 13.46 18.71 6.30
CA ASP B 98 13.55 19.75 5.27
C ASP B 98 12.72 20.99 5.57
N THR B 105 5.61 7.80 2.74
CA THR B 105 4.17 7.90 2.49
C THR B 105 3.41 6.58 2.82
N ASP B 106 4.07 5.46 2.57
CA ASP B 106 3.63 4.11 2.93
C ASP B 106 3.49 3.80 4.43
N ALA B 107 4.23 4.53 5.25
CA ALA B 107 4.50 4.10 6.61
C ALA B 107 3.40 4.50 7.56
N VAL B 108 3.28 3.75 8.65
CA VAL B 108 2.32 4.04 9.70
C VAL B 108 2.81 5.21 10.54
N ALA B 109 1.98 6.25 10.65
CA ALA B 109 2.34 7.47 11.38
C ALA B 109 1.59 7.62 12.69
N THR B 110 0.43 7.01 12.78
CA THR B 110 -0.32 6.99 14.02
C THR B 110 -0.78 5.58 14.33
N ALA B 111 -0.84 5.26 15.62
CA ALA B 111 -1.28 3.95 16.08
C ALA B 111 -1.88 4.13 17.45
N ASN B 112 -3.17 3.90 17.55
CA ASN B 112 -3.87 4.11 18.81
C ASN B 112 -4.62 2.89 19.25
N VAL B 113 -4.40 2.48 20.49
CA VAL B 113 -5.16 1.38 21.06
C VAL B 113 -6.54 1.91 21.45
N LEU B 114 -7.57 1.40 20.74
CA LEU B 114 -8.96 1.84 21.00
C LEU B 114 -9.57 1.13 22.18
N GLU B 115 -9.13 -0.09 22.41
CA GLU B 115 -9.71 -0.95 23.40
C GLU B 115 -8.72 -2.09 23.66
N SER B 116 -8.63 -2.53 24.91
CA SER B 116 -7.87 -3.74 25.20
C SER B 116 -8.50 -4.47 26.35
N SER B 117 -8.26 -5.77 26.41
CA SER B 117 -8.78 -6.58 27.50
C SER B 117 -7.92 -7.79 27.70
N THR B 118 -8.14 -8.48 28.82
CA THR B 118 -7.28 -9.58 29.24
C THR B 118 -8.10 -10.82 29.59
N PRO B 119 -8.83 -11.38 28.60
CA PRO B 119 -9.70 -12.52 28.91
C PRO B 119 -8.91 -13.77 29.27
N VAL B 120 -9.43 -14.53 30.23
CA VAL B 120 -8.88 -15.81 30.60
C VAL B 120 -9.82 -16.90 30.10
N VAL B 121 -9.31 -17.76 29.22
CA VAL B 121 -10.13 -18.81 28.60
C VAL B 121 -9.39 -20.14 28.73
N ASP B 122 -10.07 -21.15 29.24
CA ASP B 122 -9.46 -22.45 29.58
C ASP B 122 -8.21 -22.33 30.45
N GLY B 123 -8.25 -21.42 31.41
CA GLY B 123 -7.13 -21.21 32.32
C GLY B 123 -5.99 -20.39 31.72
N LYS B 124 -6.10 -20.02 30.45
CA LYS B 124 -5.03 -19.35 29.73
C LYS B 124 -5.34 -17.86 29.55
N GLN B 125 -4.38 -17.01 29.89
CA GLN B 125 -4.56 -15.58 29.78
C GLN B 125 -4.26 -15.14 28.35
N TYR B 126 -5.19 -14.37 27.76
CA TYR B 126 -4.98 -13.76 26.45
C TYR B 126 -4.99 -12.24 26.59
N TYR B 127 -4.33 -11.57 25.64
CA TYR B 127 -4.56 -10.16 25.40
C TYR B 127 -5.38 -10.01 24.12
N SER B 128 -6.39 -9.15 24.18
CA SER B 128 -7.17 -8.72 23.03
C SER B 128 -6.92 -7.24 22.89
N ILE B 129 -6.48 -6.81 21.70
CA ILE B 129 -6.10 -5.41 21.50
C ILE B 129 -6.64 -4.92 20.17
N THR B 130 -7.36 -3.80 20.19
CA THR B 130 -7.88 -3.19 18.96
C THR B 130 -7.08 -1.93 18.69
N VAL B 131 -6.42 -1.87 17.55
CA VAL B 131 -5.51 -0.78 17.18
C VAL B 131 -6.03 -0.09 15.93
N LEU B 132 -6.06 1.23 15.92
CA LEU B 132 -6.31 1.99 14.70
C LEU B 132 -5.01 2.63 14.25
N THR B 133 -4.61 2.33 13.03
CA THR B 133 -3.41 2.92 12.41
C THR B 133 -3.80 3.77 11.24
N ARG B 134 -2.98 4.78 10.96
CA ARG B 134 -3.11 5.57 9.74
C ARG B 134 -1.74 5.89 9.19
N THR B 135 -1.68 6.01 7.88
CA THR B 135 -0.43 6.33 7.20
C THR B 135 -0.10 7.81 7.32
N ALA B 136 1.12 8.14 6.92
CA ALA B 136 1.70 9.46 7.06
C ALA B 136 1.39 10.40 5.88
N ASP B 137 1.91 11.61 6.01
CA ASP B 137 1.82 12.61 4.96
C ASP B 137 0.33 12.85 4.67
N GLY B 138 -0.03 12.93 3.40
CA GLY B 138 -1.42 12.99 3.00
C GLY B 138 -2.01 11.67 2.52
N ASP B 139 -1.38 10.56 2.90
CA ASP B 139 -1.96 9.23 2.70
C ASP B 139 -2.91 8.98 3.86
N GLU B 140 -4.19 8.89 3.58
CA GLU B 140 -5.17 8.89 4.64
C GLU B 140 -5.70 7.51 4.99
N GLY B 141 -5.05 6.48 4.45
CA GLY B 141 -5.48 5.10 4.64
C GLY B 141 -5.36 4.54 6.04
N GLY B 142 -6.51 4.33 6.68
CA GLY B 142 -6.56 3.77 8.02
C GLY B 142 -6.77 2.28 7.99
N LYS B 143 -6.32 1.62 9.06
CA LYS B 143 -6.56 0.19 9.26
C LYS B 143 -6.97 -0.05 10.69
N HIS B 144 -7.94 -0.92 10.91
CA HIS B 144 -8.15 -1.50 12.23
C HIS B 144 -7.36 -2.80 12.26
N GLN B 145 -6.50 -2.91 13.27
CA GLN B 145 -5.68 -4.11 13.42
C GLN B 145 -6.04 -4.72 14.76
N LEU B 146 -6.58 -5.93 14.72
CA LEU B 146 -7.11 -6.60 15.89
C LEU B 146 -6.20 -7.75 16.26
N ILE B 147 -5.68 -7.70 17.47
CA ILE B 147 -4.64 -8.63 17.93
C ILE B 147 -5.18 -9.48 19.07
N THR B 148 -4.99 -10.79 18.95
CA THR B 148 -5.20 -11.72 20.06
C THR B 148 -3.91 -12.44 20.29
N ALA B 149 -3.41 -12.43 21.54
CA ALA B 149 -2.10 -13.03 21.81
C ALA B 149 -2.11 -13.81 23.12
N THR B 150 -1.30 -14.86 23.18
CA THR B 150 -1.17 -15.66 24.41
C THR B 150 0.15 -16.39 24.42
N VAL B 151 0.51 -16.94 25.58
CA VAL B 151 1.74 -17.71 25.71
C VAL B 151 1.35 -19.14 26.10
N SER B 152 1.99 -20.12 25.46
CA SER B 152 1.78 -21.52 25.79
C SER B 152 3.01 -22.33 25.42
N ASP B 153 3.45 -23.18 26.35
CA ASP B 153 4.53 -24.15 26.09
C ASP B 153 5.76 -23.53 25.43
N GLY B 154 6.20 -22.40 25.98
CA GLY B 154 7.43 -21.78 25.55
C GLY B 154 7.34 -21.02 24.24
N LYS B 155 6.10 -20.76 23.80
CA LYS B 155 5.86 -20.03 22.58
C LYS B 155 4.85 -18.89 22.78
N LEU B 156 5.09 -17.79 22.07
CA LEU B 156 4.18 -16.66 21.99
C LEU B 156 3.36 -16.87 20.70
N TYR B 157 2.04 -16.85 20.84
CA TYR B 157 1.11 -17.03 19.73
C TYR B 157 0.39 -15.73 19.49
N ILE B 158 0.44 -15.23 18.26
CA ILE B 158 -0.22 -13.97 17.93
C ILE B 158 -1.12 -14.17 16.71
N CYS B 159 -2.36 -13.71 16.81
CA CYS B 159 -3.25 -13.63 15.65
C CYS B 159 -3.55 -12.16 15.40
N LYS B 160 -3.34 -11.70 14.18
CA LYS B 160 -3.70 -10.31 13.83
C LYS B 160 -4.64 -10.33 12.62
N ALA B 161 -5.84 -9.76 12.81
CA ALA B 161 -6.79 -9.61 11.72
C ALA B 161 -6.97 -8.12 11.44
N GLN B 162 -7.07 -7.75 10.18
CA GLN B 162 -7.17 -6.33 9.88
C GLN B 162 -8.08 -6.06 8.72
N ALA B 163 -8.54 -4.80 8.64
CA ALA B 163 -9.21 -4.28 7.46
C ALA B 163 -8.93 -2.80 7.31
N GLY B 164 -8.78 -2.38 6.06
CA GLY B 164 -8.72 -0.98 5.74
C GLY B 164 -10.06 -0.32 5.92
N ASP B 165 -10.06 1.01 5.96
CA ASP B 165 -11.25 1.80 6.22
C ASP B 165 -12.42 1.50 5.29
N LYS B 166 -12.15 1.36 4.00
CA LYS B 166 -13.26 1.12 3.07
C LYS B 166 -14.01 -0.17 3.42
N ARG B 167 -13.29 -1.26 3.63
CA ARG B 167 -13.95 -2.52 3.93
C ARG B 167 -14.48 -2.56 5.35
N TRP B 168 -13.76 -1.92 6.27
CA TRP B 168 -14.21 -1.87 7.67
C TRP B 168 -15.61 -1.30 7.78
N PHE B 169 -15.93 -0.33 6.93
CA PHE B 169 -17.26 0.29 6.96
C PHE B 169 -18.20 -0.24 5.87
N LYS B 170 -17.82 -1.30 5.17
CA LYS B 170 -18.66 -1.85 4.09
C LYS B 170 -18.88 -3.34 4.19
N GLY B 171 -18.76 -3.89 5.39
CA GLY B 171 -19.17 -5.27 5.62
C GLY B 171 -18.11 -6.20 6.14
N ALA B 172 -16.87 -5.76 6.24
CA ALA B 172 -15.80 -6.70 6.64
C ALA B 172 -15.66 -6.79 8.15
N ARG B 173 -16.22 -5.83 8.87
CA ARG B 173 -15.94 -5.71 10.31
C ARG B 173 -16.26 -6.98 11.10
N LYS B 174 -17.46 -7.53 10.90
CA LYS B 174 -17.90 -8.68 11.67
C LYS B 174 -16.90 -9.84 11.53
N GLY B 175 -16.49 -10.10 10.29
CA GLY B 175 -15.60 -11.21 10.00
C GLY B 175 -14.19 -11.02 10.54
N VAL B 176 -13.69 -9.79 10.46
CA VAL B 176 -12.37 -9.46 10.95
C VAL B 176 -12.33 -9.59 12.46
N GLU B 177 -13.35 -9.05 13.13
CA GLU B 177 -13.44 -9.16 14.59
C GLU B 177 -13.57 -10.61 15.03
N LYS B 178 -14.39 -11.38 14.32
CA LYS B 178 -14.58 -12.82 14.65
C LYS B 178 -13.31 -13.64 14.47
N ALA B 179 -12.57 -13.34 13.41
CA ALA B 179 -11.33 -14.06 13.16
C ALA B 179 -10.38 -13.91 14.36
N ALA B 180 -10.16 -12.68 14.78
CA ALA B 180 -9.27 -12.43 15.91
C ALA B 180 -9.84 -13.00 17.21
N ALA B 181 -11.15 -12.83 17.42
CA ALA B 181 -11.78 -13.26 18.67
C ALA B 181 -11.75 -14.76 18.84
N SER B 182 -11.79 -15.47 17.72
CA SER B 182 -11.91 -16.93 17.72
C SER B 182 -10.59 -17.64 17.98
N PHE B 183 -9.49 -16.90 17.87
CA PHE B 183 -8.15 -17.49 18.01
C PHE B 183 -8.00 -18.16 19.35
N SER B 184 -7.64 -19.44 19.33
CA SER B 184 -7.58 -20.24 20.55
C SER B 184 -6.36 -21.13 20.50
N VAL B 185 -5.64 -21.20 21.62
CA VAL B 185 -4.42 -21.98 21.69
C VAL B 185 -4.61 -23.10 22.72
N ALA B 186 -4.35 -24.31 22.29
CA ALA B 186 -4.56 -25.49 23.16
C ALA B 186 -3.58 -25.51 24.33
#